data_6BVH
#
_entry.id   6BVH
#
_cell.length_a   61.680
_cell.length_b   63.240
_cell.length_c   69.320
_cell.angle_alpha   90.000
_cell.angle_beta   90.000
_cell.angle_gamma   90.000
#
_symmetry.space_group_name_H-M   'P 21 21 21'
#
loop_
_entity.id
_entity.type
_entity.pdbx_description
1 polymer 'Cationic trypsin'
2 polymer 'Trypsin inhibitor 1'
3 non-polymer 'CALCIUM ION'
4 non-polymer GLYCEROL
5 non-polymer 'SULFATE ION'
6 water water
#
loop_
_entity_poly.entity_id
_entity_poly.type
_entity_poly.pdbx_seq_one_letter_code
_entity_poly.pdbx_strand_id
1 'polypeptide(L)'
;IVGGYTCGANTVPYQVSLNSGYHFCGGSLINSQWVVSAAHCYKSGIQVRLGEDNINVVEGNEQFISASKSIVHPSYNSNT
LNNDIMLIKLKSAASLNSRVASISLPTSCASAGTQCLISGWGNTKSSGTSYPDVLKCLKAPILSDSSCKSAYPGQITSNM
FCAGYLEGGKDSCQGDSGGPVVCSGKLQGIVSWGSGCAQKNKPGVYTKVCNYVSWIKQTIASN
;
A
2 'polypeptide(L)' GTCTRSIPPICNPN I
#
loop_
_chem_comp.id
_chem_comp.type
_chem_comp.name
_chem_comp.formula
CA non-polymer 'CALCIUM ION' 'Ca 2'
GOL non-polymer GLYCEROL 'C3 H8 O3'
SO4 non-polymer 'SULFATE ION' 'O4 S -2'
#
# COMPACT_ATOMS: atom_id res chain seq x y z
N ILE A 1 -8.23 -1.41 6.65
CA ILE A 1 -8.27 -2.88 6.58
C ILE A 1 -9.57 -3.41 7.17
N VAL A 2 -10.33 -4.14 6.37
CA VAL A 2 -11.60 -4.73 6.80
C VAL A 2 -11.39 -6.20 7.11
N GLY A 3 -11.86 -6.64 8.27
CA GLY A 3 -11.77 -8.05 8.63
C GLY A 3 -10.40 -8.50 9.05
N GLY A 4 -9.53 -7.57 9.41
CA GLY A 4 -8.18 -7.85 9.85
C GLY A 4 -8.09 -7.92 11.36
N TYR A 5 -6.88 -7.68 11.87
CA TYR A 5 -6.60 -7.76 13.30
C TYR A 5 -5.58 -6.69 13.65
N THR A 6 -5.52 -6.34 14.94
CA THR A 6 -4.52 -5.39 15.41
C THR A 6 -3.12 -6.01 15.29
N CYS A 7 -2.23 -5.34 14.57
CA CYS A 7 -0.90 -5.91 14.31
C CYS A 7 -0.12 -6.08 15.61
N GLY A 8 -0.19 -5.10 16.49
CA GLY A 8 0.72 -5.03 17.62
C GLY A 8 1.75 -3.97 17.31
N ALA A 9 2.15 -3.19 18.32
CA ALA A 9 2.98 -2.02 18.07
C ALA A 9 4.30 -2.41 17.41
N ASN A 10 4.60 -1.77 16.28
CA ASN A 10 5.87 -1.88 15.57
C ASN A 10 6.17 -3.29 15.09
N THR A 11 5.15 -4.14 14.97
CA THR A 11 5.36 -5.47 14.40
C THR A 11 5.48 -5.44 12.88
N VAL A 12 5.19 -4.31 12.25
CA VAL A 12 5.33 -4.14 10.80
C VAL A 12 6.26 -2.96 10.58
N PRO A 13 7.56 -3.11 10.85
CA PRO A 13 8.44 -1.94 11.04
C PRO A 13 8.74 -1.18 9.75
N TYR A 14 8.39 -1.73 8.58
CA TYR A 14 8.52 -1.02 7.31
C TYR A 14 7.28 -0.20 6.96
N GLN A 15 6.19 -0.35 7.71
CA GLN A 15 4.98 0.38 7.39
C GLN A 15 5.14 1.85 7.77
N VAL A 16 4.84 2.74 6.84
CA VAL A 16 4.82 4.17 7.17
C VAL A 16 3.44 4.72 6.91
N SER A 17 3.17 5.87 7.50
CA SER A 17 1.96 6.65 7.27
C SER A 17 2.36 7.93 6.55
N LEU A 18 1.66 8.26 5.47
CA LEU A 18 1.83 9.53 4.77
C LEU A 18 0.83 10.53 5.33
N ASN A 19 1.34 11.67 5.78
CA ASN A 19 0.54 12.59 6.58
C ASN A 19 0.59 13.99 5.97
N SER A 20 -0.58 14.59 5.79
CA SER A 20 -0.64 15.99 5.37
C SER A 20 -1.57 16.76 6.29
N GLY A 21 -1.32 16.64 7.61
CA GLY A 21 -2.27 17.12 8.60
C GLY A 21 -3.33 16.10 8.94
N TYR A 22 -3.23 14.91 8.38
CA TYR A 22 -4.11 13.76 8.59
C TYR A 22 -3.48 12.61 7.81
N HIS A 23 -3.76 11.39 8.25
CA HIS A 23 -3.29 10.23 7.52
C HIS A 23 -4.13 10.07 6.26
N PHE A 24 -3.46 9.92 5.10
CA PHE A 24 -4.20 9.78 3.85
C PHE A 24 -3.78 8.58 3.02
N CYS A 25 -2.60 8.00 3.25
CA CYS A 25 -2.11 6.84 2.51
C CYS A 25 -1.03 6.18 3.34
N GLY A 26 -0.73 4.93 3.01
CA GLY A 26 0.40 4.22 3.56
C GLY A 26 1.61 4.25 2.63
N GLY A 27 2.68 3.61 3.07
CA GLY A 27 3.87 3.39 2.25
C GLY A 27 4.76 2.36 2.91
N SER A 28 5.83 2.00 2.20
CA SER A 28 6.77 0.97 2.64
C SER A 28 8.20 1.51 2.57
N LEU A 29 8.91 1.41 3.69
CA LEU A 29 10.31 1.82 3.76
C LEU A 29 11.19 0.76 3.09
N ILE A 30 11.96 1.14 2.06
CA ILE A 30 12.80 0.16 1.37
C ILE A 30 14.28 0.38 1.58
N ASN A 31 14.70 1.53 2.10
CA ASN A 31 16.02 1.74 2.68
C ASN A 31 15.91 2.98 3.57
N SER A 32 17.02 3.43 4.14
CA SER A 32 16.91 4.47 5.16
C SER A 32 16.41 5.80 4.61
N GLN A 33 16.40 6.00 3.29
CA GLN A 33 15.99 7.29 2.76
C GLN A 33 14.88 7.21 1.72
N TRP A 34 14.30 6.03 1.47
CA TRP A 34 13.35 5.89 0.36
C TRP A 34 12.15 5.06 0.77
N VAL A 35 10.97 5.51 0.32
CA VAL A 35 9.68 4.92 0.63
C VAL A 35 8.97 4.62 -0.69
N VAL A 36 8.32 3.46 -0.78
CA VAL A 36 7.48 3.10 -1.92
C VAL A 36 6.02 3.33 -1.52
N SER A 37 5.28 4.02 -2.39
CA SER A 37 3.85 4.21 -2.17
C SER A 37 3.15 4.17 -3.53
N ALA A 38 1.90 4.62 -3.57
CA ALA A 38 1.12 4.59 -4.80
C ALA A 38 1.18 5.96 -5.48
N ALA A 39 1.16 5.93 -6.82
CA ALA A 39 1.20 7.20 -7.56
C ALA A 39 -0.02 8.06 -7.25
N HIS A 40 -1.19 7.43 -7.05
CA HIS A 40 -2.36 8.25 -6.78
C HIS A 40 -2.33 8.87 -5.40
N CYS A 41 -1.37 8.50 -4.54
CA CYS A 41 -1.17 9.18 -3.27
C CYS A 41 -0.34 10.44 -3.38
N TYR A 42 0.17 10.76 -4.58
CA TYR A 42 1.01 11.95 -4.72
C TYR A 42 0.26 13.22 -4.33
N LYS A 43 0.95 14.07 -3.56
CA LYS A 43 0.56 15.45 -3.31
C LYS A 43 1.79 16.22 -2.82
N SER A 44 1.69 17.55 -2.85
CA SER A 44 2.68 18.38 -2.17
C SER A 44 2.56 18.21 -0.66
N GLY A 45 3.65 18.53 0.03
CA GLY A 45 3.62 18.63 1.48
C GLY A 45 3.49 17.33 2.24
N ILE A 46 4.03 16.24 1.71
CA ILE A 46 3.93 14.97 2.40
C ILE A 46 4.94 14.92 3.55
N GLN A 47 4.46 14.56 4.73
CA GLN A 47 5.33 14.20 5.85
C GLN A 47 5.23 12.69 6.04
N VAL A 48 6.36 12.02 6.03
CA VAL A 48 6.40 10.57 6.25
C VAL A 48 6.52 10.31 7.74
N ARG A 49 5.63 9.46 8.27
CA ARG A 49 5.66 9.14 9.70
C ARG A 49 6.05 7.67 9.85
N LEU A 50 7.24 7.45 10.41
CA LEU A 50 7.80 6.13 10.60
C LEU A 50 7.71 5.73 12.07
N GLY A 51 7.76 4.42 12.31
CA GLY A 51 7.69 3.88 13.66
C GLY A 51 6.35 4.03 14.34
N GLU A 52 5.27 4.22 13.57
CA GLU A 52 3.97 4.53 14.14
C GLU A 52 3.22 3.27 14.55
N ASP A 53 2.48 3.36 15.66
CA ASP A 53 1.39 2.42 15.90
C ASP A 53 0.08 3.17 16.03
N ASN A 54 -0.17 3.79 17.19
CA ASN A 54 -1.31 4.70 17.32
C ASN A 54 -0.98 6.00 16.60
N ILE A 55 -1.64 6.26 15.46
CA ILE A 55 -1.25 7.45 14.70
C ILE A 55 -1.77 8.74 15.31
N ASN A 56 -2.57 8.66 16.37
CA ASN A 56 -3.16 9.86 16.95
C ASN A 56 -2.52 10.25 18.26
N VAL A 57 -1.52 9.49 18.72
CA VAL A 57 -0.87 9.71 20.01
C VAL A 57 0.62 9.59 19.80
N VAL A 58 1.39 10.53 20.33
CA VAL A 58 2.84 10.39 20.36
C VAL A 58 3.19 9.40 21.46
N GLU A 59 3.60 8.18 21.08
CA GLU A 59 3.82 7.08 22.01
C GLU A 59 5.29 6.79 22.28
N GLY A 60 6.19 7.31 21.47
CA GLY A 60 7.57 6.87 21.46
C GLY A 60 7.86 6.11 20.19
N ASN A 61 9.10 6.22 19.71
CA ASN A 61 9.63 5.54 18.54
C ASN A 61 9.16 6.15 17.21
N GLU A 62 8.36 7.21 17.22
CA GLU A 62 8.01 7.86 15.96
C GLU A 62 9.20 8.63 15.40
N GLN A 63 9.25 8.69 14.07
CA GLN A 63 10.13 9.61 13.36
C GLN A 63 9.29 10.27 12.28
N PHE A 64 9.20 11.61 12.34
CA PHE A 64 8.48 12.39 11.33
C PHE A 64 9.53 13.03 10.43
N ILE A 65 9.49 12.72 9.13
CA ILE A 65 10.49 13.22 8.19
C ILE A 65 9.77 13.70 6.94
N SER A 66 10.04 14.95 6.53
CA SER A 66 9.41 15.48 5.33
C SER A 66 9.89 14.75 4.08
N ALA A 67 9.01 14.62 3.10
CA ALA A 67 9.41 14.15 1.79
C ALA A 67 10.21 15.25 1.08
N SER A 68 11.42 14.92 0.61
CA SER A 68 12.16 15.88 -0.20
C SER A 68 11.95 15.68 -1.69
N LYS A 69 11.63 14.46 -2.11
CA LYS A 69 11.28 14.16 -3.49
C LYS A 69 10.09 13.21 -3.47
N SER A 70 9.11 13.46 -4.35
CA SER A 70 7.97 12.55 -4.51
C SER A 70 7.85 12.26 -6.00
N ILE A 71 8.26 11.07 -6.39
CA ILE A 71 8.51 10.75 -7.79
C ILE A 71 7.46 9.75 -8.24
N VAL A 72 6.47 10.24 -9.00
CA VAL A 72 5.45 9.39 -9.61
C VAL A 72 6.04 8.73 -10.84
N HIS A 73 5.66 7.48 -11.10
CA HIS A 73 6.09 6.82 -12.32
C HIS A 73 5.71 7.67 -13.53
N PRO A 74 6.66 7.96 -14.43
CA PRO A 74 6.35 8.83 -15.58
C PRO A 74 5.22 8.32 -16.44
N SER A 75 4.93 7.02 -16.42
CA SER A 75 3.87 6.44 -17.24
C SER A 75 2.62 6.10 -16.41
N TYR A 76 2.51 6.65 -15.21
CA TYR A 76 1.29 6.49 -14.42
C TYR A 76 0.10 7.05 -15.18
N ASN A 77 -0.95 6.25 -15.29
CA ASN A 77 -2.18 6.66 -15.97
C ASN A 77 -3.23 6.77 -14.89
N SER A 78 -3.72 7.99 -14.64
CA SER A 78 -4.62 8.20 -13.52
C SER A 78 -6.01 7.63 -13.77
N ASN A 79 -6.34 7.26 -15.01
CA ASN A 79 -7.65 6.69 -15.28
C ASN A 79 -7.66 5.16 -15.23
N THR A 80 -6.65 4.51 -15.81
CA THR A 80 -6.54 3.05 -15.70
C THR A 80 -5.83 2.60 -14.42
N LEU A 81 -5.10 3.50 -13.76
CA LEU A 81 -4.22 3.21 -12.62
C LEU A 81 -3.06 2.30 -13.01
N ASN A 82 -2.74 2.21 -14.29
CA ASN A 82 -1.54 1.50 -14.70
C ASN A 82 -0.31 2.26 -14.21
N ASN A 83 0.69 1.52 -13.72
CA ASN A 83 1.93 2.09 -13.19
C ASN A 83 1.66 2.96 -11.96
N ASP A 84 0.80 2.46 -11.07
CA ASP A 84 0.43 3.17 -9.85
C ASP A 84 1.50 2.96 -8.78
N ILE A 85 2.63 3.63 -8.97
CA ILE A 85 3.75 3.52 -8.03
C ILE A 85 4.43 4.89 -7.90
N MET A 86 4.88 5.19 -6.69
CA MET A 86 5.57 6.44 -6.39
C MET A 86 6.74 6.15 -5.46
N LEU A 87 7.87 6.83 -5.69
CA LEU A 87 9.02 6.77 -4.80
C LEU A 87 9.14 8.09 -4.06
N ILE A 88 9.27 8.02 -2.74
CA ILE A 88 9.46 9.21 -1.90
C ILE A 88 10.86 9.17 -1.33
N LYS A 89 11.64 10.22 -1.55
CA LYS A 89 12.91 10.38 -0.86
C LYS A 89 12.69 11.21 0.40
N LEU A 90 13.19 10.70 1.52
CA LEU A 90 13.12 11.42 2.78
C LEU A 90 14.15 12.54 2.81
N LYS A 91 13.76 13.67 3.41
CA LYS A 91 14.67 14.81 3.53
C LYS A 91 15.93 14.45 4.29
N SER A 92 15.84 13.56 5.27
CA SER A 92 17.00 13.03 5.97
C SER A 92 16.77 11.53 6.16
N ALA A 93 17.86 10.79 6.33
CA ALA A 93 17.71 9.35 6.45
C ALA A 93 17.02 9.01 7.77
N ALA A 94 16.11 8.04 7.72
CA ALA A 94 15.53 7.50 8.95
C ALA A 94 16.60 6.80 9.78
N SER A 95 16.43 6.82 11.09
CA SER A 95 17.27 6.03 12.00
C SER A 95 16.67 4.63 12.07
N LEU A 96 17.41 3.65 11.58
CA LEU A 96 16.89 2.29 11.47
C LEU A 96 17.13 1.55 12.77
N ASN A 97 16.10 0.86 13.25
CA ASN A 97 16.17 0.11 14.50
C ASN A 97 15.19 -1.05 14.39
N SER A 98 14.90 -1.71 15.52
CA SER A 98 13.97 -2.83 15.48
C SER A 98 12.57 -2.37 15.08
N ARG A 99 12.21 -1.12 15.37
CA ARG A 99 10.87 -0.62 15.14
C ARG A 99 10.74 0.16 13.85
N VAL A 100 11.86 0.52 13.22
CA VAL A 100 11.87 1.22 11.93
C VAL A 100 12.88 0.47 11.08
N ALA A 101 12.39 -0.33 10.12
CA ALA A 101 13.25 -1.21 9.34
C ALA A 101 12.75 -1.23 7.90
N SER A 102 13.68 -1.49 6.98
CA SER A 102 13.31 -1.56 5.58
C SER A 102 12.79 -2.96 5.23
N ILE A 103 12.02 -3.04 4.15
CA ILE A 103 11.53 -4.32 3.62
C ILE A 103 12.24 -4.58 2.30
N SER A 104 12.63 -5.84 2.08
CA SER A 104 13.32 -6.23 0.85
C SER A 104 12.41 -6.13 -0.36
N LEU A 105 13.00 -5.73 -1.50
CA LEU A 105 12.32 -5.82 -2.78
C LEU A 105 12.37 -7.25 -3.32
N PRO A 106 11.42 -7.64 -4.17
CA PRO A 106 11.43 -9.01 -4.68
C PRO A 106 12.56 -9.24 -5.69
N THR A 107 13.00 -10.48 -5.77
CA THR A 107 13.88 -10.91 -6.84
C THR A 107 13.12 -11.66 -7.93
N SER A 108 11.89 -12.06 -7.66
CA SER A 108 11.03 -12.63 -8.69
C SER A 108 9.60 -12.39 -8.26
N CYS A 109 8.67 -12.50 -9.21
CA CYS A 109 7.28 -12.29 -8.87
C CYS A 109 6.77 -13.44 -8.00
N ALA A 110 5.73 -13.15 -7.23
CA ALA A 110 5.11 -14.16 -6.37
C ALA A 110 4.08 -14.97 -7.16
N SER A 111 3.66 -16.10 -6.59
CA SER A 111 2.73 -16.98 -7.25
C SER A 111 1.36 -16.94 -6.59
N ALA A 112 0.32 -17.23 -7.38
CA ALA A 112 -1.04 -17.36 -6.86
C ALA A 112 -1.08 -18.35 -5.71
N GLY A 113 -1.82 -17.98 -4.66
CA GLY A 113 -1.96 -18.83 -3.50
C GLY A 113 -0.98 -18.54 -2.38
N THR A 114 0.10 -17.81 -2.67
CA THR A 114 1.03 -17.44 -1.61
C THR A 114 0.35 -16.47 -0.65
N GLN A 115 0.55 -16.70 0.65
CA GLN A 115 -0.05 -15.85 1.67
C GLN A 115 0.80 -14.60 1.88
N CYS A 116 0.15 -13.45 1.98
CA CYS A 116 0.84 -12.18 2.14
C CYS A 116 0.25 -11.43 3.32
N LEU A 117 1.01 -10.45 3.82
CA LEU A 117 0.58 -9.56 4.89
C LEU A 117 0.29 -8.20 4.30
N ILE A 118 -0.94 -7.73 4.46
CA ILE A 118 -1.36 -6.41 4.03
C ILE A 118 -1.69 -5.61 5.28
N SER A 119 -1.27 -4.34 5.33
CA SER A 119 -1.45 -3.59 6.56
C SER A 119 -1.74 -2.14 6.26
N GLY A 120 -2.35 -1.45 7.21
CA GLY A 120 -2.58 -0.02 7.06
C GLY A 120 -3.55 0.52 8.09
N TRP A 121 -3.77 1.83 8.01
CA TRP A 121 -4.67 2.54 8.91
C TRP A 121 -5.98 2.91 8.23
N GLY A 122 -6.32 2.23 7.14
CA GLY A 122 -7.53 2.51 6.41
C GLY A 122 -8.81 2.10 7.14
N ASN A 123 -9.93 2.43 6.51
CA ASN A 123 -11.26 2.08 6.99
C ASN A 123 -11.35 0.61 7.35
N THR A 124 -11.96 0.31 8.50
CA THR A 124 -12.19 -1.07 8.94
C THR A 124 -13.61 -1.56 8.69
N LYS A 125 -14.45 -0.77 8.01
CA LYS A 125 -15.82 -1.16 7.71
C LYS A 125 -16.04 -1.24 6.21
N SER A 126 -16.81 -2.26 5.78
CA SER A 126 -17.17 -2.40 4.37
C SER A 126 -18.41 -1.57 4.01
N SER A 127 -19.19 -1.15 5.00
CA SER A 127 -20.27 -0.18 4.82
C SER A 127 -20.10 0.88 5.90
N GLY A 128 -20.12 2.16 5.48
CA GLY A 128 -19.81 3.23 6.39
C GLY A 128 -18.30 3.38 6.55
N THR A 129 -17.91 4.21 7.53
CA THR A 129 -16.49 4.46 7.80
C THR A 129 -16.20 4.35 9.28
N SER A 130 -15.10 3.66 9.61
CA SER A 130 -14.50 3.70 10.94
C SER A 130 -13.00 3.62 10.77
N TYR A 131 -12.28 4.62 11.24
CA TYR A 131 -10.84 4.66 11.02
C TYR A 131 -10.11 4.32 12.31
N PRO A 132 -9.17 3.36 12.29
CA PRO A 132 -8.55 2.92 13.54
C PRO A 132 -7.46 3.88 14.00
N ASP A 133 -7.16 3.81 15.30
CA ASP A 133 -5.99 4.51 15.81
C ASP A 133 -4.71 3.71 15.55
N VAL A 134 -4.77 2.40 15.74
CA VAL A 134 -3.59 1.56 15.68
C VAL A 134 -3.56 0.81 14.35
N LEU A 135 -2.38 0.31 14.02
CA LEU A 135 -2.18 -0.34 12.72
C LEU A 135 -2.92 -1.68 12.67
N LYS A 136 -3.59 -1.93 11.54
CA LYS A 136 -4.33 -3.17 11.32
C LYS A 136 -3.63 -4.01 10.26
N CYS A 137 -3.83 -5.33 10.35
CA CYS A 137 -3.12 -6.32 9.57
C CYS A 137 -4.12 -7.32 8.99
N LEU A 138 -3.78 -7.87 7.83
CA LEU A 138 -4.62 -8.88 7.19
C LEU A 138 -3.75 -9.86 6.44
N LYS A 139 -3.95 -11.15 6.69
CA LYS A 139 -3.33 -12.19 5.87
C LYS A 139 -4.25 -12.50 4.70
N ALA A 140 -3.69 -12.50 3.48
CA ALA A 140 -4.49 -12.67 2.27
C ALA A 140 -3.68 -13.33 1.17
N PRO A 141 -4.28 -14.20 0.36
CA PRO A 141 -3.56 -14.86 -0.72
C PRO A 141 -3.60 -14.06 -2.03
N ILE A 142 -2.54 -14.26 -2.82
CA ILE A 142 -2.55 -13.79 -4.20
C ILE A 142 -3.51 -14.65 -5.02
N LEU A 143 -4.36 -14.01 -5.82
CA LEU A 143 -5.29 -14.74 -6.67
C LEU A 143 -4.68 -15.00 -8.04
N SER A 144 -5.24 -15.98 -8.73
CA SER A 144 -4.79 -16.28 -10.08
C SER A 144 -5.13 -15.13 -11.02
N ASP A 145 -4.36 -15.05 -12.10
CA ASP A 145 -4.59 -14.01 -13.09
C ASP A 145 -5.98 -14.13 -13.72
N SER A 146 -6.40 -15.36 -14.03
CA SER A 146 -7.72 -15.51 -14.67
C SER A 146 -8.83 -15.09 -13.72
N SER A 147 -8.71 -15.42 -12.43
CA SER A 147 -9.72 -14.99 -11.46
CA SER A 147 -9.72 -14.99 -11.47
C SER A 147 -9.72 -13.48 -11.31
N CYS A 148 -8.54 -12.87 -11.25
CA CYS A 148 -8.44 -11.41 -11.14
C CYS A 148 -9.09 -10.75 -12.35
N LYS A 149 -8.78 -11.24 -13.55
CA LYS A 149 -9.34 -10.65 -14.76
C LYS A 149 -10.82 -10.92 -14.88
N SER A 150 -11.27 -12.09 -14.42
CA SER A 150 -12.69 -12.38 -14.42
C SER A 150 -13.45 -11.46 -13.45
N ALA A 151 -12.83 -11.12 -12.32
CA ALA A 151 -13.47 -10.21 -11.38
C ALA A 151 -13.56 -8.79 -11.92
N TYR A 152 -12.57 -8.37 -12.72
CA TYR A 152 -12.46 -6.98 -13.19
C TYR A 152 -12.15 -6.96 -14.68
N PRO A 153 -13.10 -7.37 -15.52
CA PRO A 153 -12.84 -7.52 -16.96
C PRO A 153 -12.34 -6.22 -17.59
N GLY A 154 -11.30 -6.33 -18.42
CA GLY A 154 -10.74 -5.20 -19.14
C GLY A 154 -9.99 -4.18 -18.30
N GLN A 155 -9.77 -4.48 -17.02
CA GLN A 155 -9.23 -3.51 -16.07
C GLN A 155 -7.88 -3.88 -15.49
N ILE A 156 -7.46 -5.14 -15.58
CA ILE A 156 -6.26 -5.63 -14.93
C ILE A 156 -5.13 -5.60 -15.95
N THR A 157 -4.13 -4.75 -15.71
CA THR A 157 -2.97 -4.74 -16.59
C THR A 157 -1.94 -5.74 -16.08
N SER A 158 -0.88 -5.95 -16.88
CA SER A 158 0.20 -6.80 -16.41
C SER A 158 0.93 -6.24 -15.20
N ASN A 159 0.66 -4.99 -14.83
CA ASN A 159 1.29 -4.35 -13.68
C ASN A 159 0.39 -4.36 -12.45
N MET A 160 -0.61 -5.23 -12.42
CA MET A 160 -1.53 -5.36 -11.30
C MET A 160 -1.72 -6.83 -10.97
N PHE A 161 -2.07 -7.09 -9.72
CA PHE A 161 -2.55 -8.41 -9.33
C PHE A 161 -3.64 -8.26 -8.27
N CYS A 162 -4.46 -9.29 -8.14
CA CYS A 162 -5.51 -9.34 -7.14
C CYS A 162 -5.05 -10.15 -5.94
N ALA A 163 -5.49 -9.74 -4.75
CA ALA A 163 -5.27 -10.53 -3.54
C ALA A 163 -6.49 -10.37 -2.63
N GLY A 164 -6.76 -11.41 -1.85
CA GLY A 164 -7.87 -11.36 -0.94
C GLY A 164 -8.82 -12.53 -1.04
N TYR A 165 -10.12 -12.25 -0.87
CA TYR A 165 -11.12 -13.27 -0.59
C TYR A 165 -12.40 -12.96 -1.36
N LEU A 166 -12.80 -13.87 -2.24
CA LEU A 166 -13.97 -13.62 -3.08
C LEU A 166 -15.27 -13.75 -2.30
N GLU A 167 -15.26 -14.39 -1.14
CA GLU A 167 -16.47 -14.52 -0.35
C GLU A 167 -16.83 -13.24 0.41
N GLY A 168 -15.98 -12.22 0.35
CA GLY A 168 -16.22 -10.97 1.04
C GLY A 168 -15.73 -11.01 2.49
N GLY A 169 -15.68 -9.81 3.09
CA GLY A 169 -15.41 -9.68 4.50
C GLY A 169 -13.98 -9.36 4.89
N LYS A 170 -13.02 -9.53 3.98
CA LYS A 170 -11.60 -9.32 4.31
C LYS A 170 -10.91 -8.63 3.15
N ASP A 171 -10.34 -7.44 3.39
CA ASP A 171 -9.84 -6.63 2.29
C ASP A 171 -9.10 -5.41 2.84
N SER A 172 -8.31 -4.77 1.97
CA SER A 172 -7.87 -3.41 2.27
C SER A 172 -8.97 -2.43 1.89
N CYS A 173 -8.81 -1.16 2.28
CA CYS A 173 -9.89 -0.18 2.12
C CYS A 173 -9.30 1.24 2.12
N GLN A 174 -10.18 2.23 2.04
CA GLN A 174 -9.75 3.62 1.90
C GLN A 174 -8.87 4.02 3.08
N GLY A 175 -7.69 4.55 2.76
CA GLY A 175 -6.67 4.86 3.75
C GLY A 175 -5.51 3.88 3.75
N ASP A 176 -5.69 2.73 3.15
CA ASP A 176 -4.62 1.74 3.02
C ASP A 176 -3.77 1.92 1.78
N SER A 177 -4.27 2.66 0.77
CA SER A 177 -3.53 2.91 -0.47
C SER A 177 -2.07 3.24 -0.21
N GLY A 178 -1.21 2.70 -1.06
CA GLY A 178 0.21 2.98 -0.98
C GLY A 178 0.95 2.07 -0.04
N GLY A 179 0.23 1.38 0.86
CA GLY A 179 0.85 0.52 1.84
C GLY A 179 1.27 -0.83 1.28
N PRO A 180 1.87 -1.63 2.14
CA PRO A 180 2.55 -2.86 1.70
C PRO A 180 1.67 -4.09 1.54
N VAL A 181 2.04 -4.90 0.55
CA VAL A 181 1.65 -6.31 0.46
C VAL A 181 2.96 -7.09 0.48
N VAL A 182 3.24 -7.79 1.57
CA VAL A 182 4.51 -8.46 1.77
C VAL A 182 4.27 -9.97 1.77
N CYS A 183 4.99 -10.67 0.91
CA CYS A 183 4.84 -12.11 0.75
C CYS A 183 6.22 -12.74 0.86
N SER A 184 6.37 -13.68 1.79
CA SER A 184 7.64 -14.38 2.00
C SER A 184 8.79 -13.40 2.21
N GLY A 185 8.51 -12.34 2.97
CA GLY A 185 9.52 -11.36 3.31
C GLY A 185 9.85 -10.37 2.21
N LYS A 186 9.10 -10.34 1.11
CA LYS A 186 9.36 -9.42 0.01
C LYS A 186 8.15 -8.51 -0.23
N LEU A 187 8.42 -7.25 -0.60
CA LEU A 187 7.37 -6.31 -0.97
C LEU A 187 6.90 -6.63 -2.39
N GLN A 188 5.77 -7.33 -2.52
CA GLN A 188 5.26 -7.69 -3.83
C GLN A 188 4.14 -6.78 -4.32
N GLY A 189 3.45 -6.08 -3.42
CA GLY A 189 2.29 -5.30 -3.83
C GLY A 189 2.22 -3.94 -3.16
N ILE A 190 1.48 -3.04 -3.82
CA ILE A 190 1.13 -1.73 -3.27
C ILE A 190 -0.40 -1.62 -3.30
N VAL A 191 -1.01 -1.34 -2.14
CA VAL A 191 -2.45 -1.17 -2.11
C VAL A 191 -2.85 -0.12 -3.13
N SER A 192 -3.79 -0.47 -4.02
CA SER A 192 -4.12 0.43 -5.11
C SER A 192 -5.62 0.72 -5.20
N TRP A 193 -6.44 -0.25 -5.61
CA TRP A 193 -7.84 0.05 -5.88
C TRP A 193 -8.71 -1.21 -5.72
N GLY A 194 -10.03 -0.99 -5.85
CA GLY A 194 -11.00 -2.08 -5.83
C GLY A 194 -12.39 -1.49 -5.97
N SER A 195 -13.37 -2.39 -6.13
CA SER A 195 -14.77 -2.00 -6.16
C SER A 195 -15.33 -2.11 -4.73
N GLY A 196 -15.57 -0.97 -4.09
CA GLY A 196 -15.91 -1.02 -2.68
C GLY A 196 -14.76 -1.58 -1.87
N CYS A 197 -15.08 -2.16 -0.72
CA CYS A 197 -14.12 -2.85 0.15
C CYS A 197 -14.77 -4.11 0.69
N ALA A 198 -14.03 -5.23 0.65
CA ALA A 198 -14.47 -6.50 1.22
C ALA A 198 -15.81 -6.98 0.64
N GLN A 199 -16.12 -6.58 -0.59
CA GLN A 199 -17.33 -7.03 -1.26
C GLN A 199 -17.11 -8.38 -1.94
N LYS A 200 -18.17 -9.18 -1.96
CA LYS A 200 -18.13 -10.46 -2.68
C LYS A 200 -17.71 -10.26 -4.13
N ASN A 201 -16.85 -11.16 -4.60
CA ASN A 201 -16.39 -11.21 -5.99
C ASN A 201 -15.61 -9.96 -6.42
N LYS A 202 -15.23 -9.10 -5.49
CA LYS A 202 -14.47 -7.88 -5.78
C LYS A 202 -13.24 -7.81 -4.88
N PRO A 203 -12.18 -8.55 -5.22
CA PRO A 203 -10.97 -8.53 -4.39
C PRO A 203 -10.23 -7.22 -4.54
N GLY A 204 -9.23 -7.04 -3.67
CA GLY A 204 -8.33 -5.89 -3.82
C GLY A 204 -7.41 -6.03 -5.02
N VAL A 205 -7.09 -4.91 -5.65
CA VAL A 205 -6.15 -4.86 -6.76
C VAL A 205 -4.91 -4.11 -6.31
N TYR A 206 -3.74 -4.65 -6.65
CA TYR A 206 -2.47 -4.20 -6.08
C TYR A 206 -1.45 -3.95 -7.19
N THR A 207 -0.63 -2.92 -7.03
CA THR A 207 0.45 -2.69 -7.98
C THR A 207 1.47 -3.81 -7.87
N LYS A 208 1.90 -4.33 -9.02
CA LYS A 208 2.79 -5.51 -9.07
C LYS A 208 4.25 -5.05 -8.99
N VAL A 209 4.77 -5.01 -7.75
CA VAL A 209 6.08 -4.41 -7.50
C VAL A 209 7.21 -5.13 -8.24
N CYS A 210 7.11 -6.45 -8.43
CA CYS A 210 8.22 -7.14 -9.09
C CYS A 210 8.48 -6.64 -10.49
N ASN A 211 7.50 -6.00 -11.14
CA ASN A 211 7.73 -5.45 -12.46
C ASN A 211 8.53 -4.14 -12.43
N TYR A 212 8.73 -3.56 -11.25
CA TYR A 212 9.32 -2.23 -11.11
C TYR A 212 10.64 -2.22 -10.36
N VAL A 213 11.20 -3.39 -10.03
CA VAL A 213 12.43 -3.40 -9.23
C VAL A 213 13.54 -2.68 -9.96
N SER A 214 13.68 -2.91 -11.28
CA SER A 214 14.72 -2.21 -12.04
C SER A 214 14.48 -0.70 -12.07
N TRP A 215 13.23 -0.29 -12.27
CA TRP A 215 12.92 1.13 -12.29
C TRP A 215 13.18 1.77 -10.94
N ILE A 216 12.82 1.08 -9.87
CA ILE A 216 13.07 1.59 -8.53
C ILE A 216 14.58 1.79 -8.32
N LYS A 217 15.37 0.75 -8.63
CA LYS A 217 16.80 0.85 -8.42
C LYS A 217 17.43 1.96 -9.25
N GLN A 218 17.04 2.05 -10.54
CA GLN A 218 17.62 3.07 -11.41
C GLN A 218 17.22 4.47 -10.96
N THR A 219 15.97 4.63 -10.52
CA THR A 219 15.50 5.93 -10.04
C THR A 219 16.21 6.34 -8.76
N ILE A 220 16.38 5.42 -7.81
CA ILE A 220 17.12 5.76 -6.59
C ILE A 220 18.57 6.09 -6.92
N ALA A 221 19.19 5.30 -7.80
CA ALA A 221 20.62 5.49 -8.07
C ALA A 221 20.89 6.87 -8.67
N SER A 222 19.95 7.42 -9.43
CA SER A 222 20.16 8.69 -10.08
C SER A 222 19.60 9.87 -9.29
N ASN A 223 19.06 9.62 -8.10
CA ASN A 223 18.51 10.69 -7.25
C ASN A 223 19.15 10.71 -5.88
N GLY B 1 -17.87 2.38 -10.35
CA GLY B 1 -17.96 2.23 -8.91
C GLY B 1 -16.63 1.90 -8.24
N THR B 2 -15.59 1.70 -9.04
CA THR B 2 -14.29 1.36 -8.49
C THR B 2 -13.55 2.63 -8.05
N CYS B 3 -12.86 2.54 -6.92
CA CYS B 3 -12.18 3.68 -6.34
C CYS B 3 -10.78 3.27 -5.88
N THR B 4 -9.85 4.22 -5.97
CA THR B 4 -8.59 4.08 -5.25
C THR B 4 -8.85 3.97 -3.76
N ARG B 5 -7.88 3.41 -3.05
CA ARG B 5 -8.06 3.23 -1.61
C ARG B 5 -7.32 4.30 -0.80
N SER B 6 -7.31 5.52 -1.31
CA SER B 6 -6.73 6.66 -0.63
C SER B 6 -7.81 7.39 0.17
N ILE B 7 -7.37 8.31 1.04
CA ILE B 7 -8.29 9.25 1.67
C ILE B 7 -8.05 10.63 1.04
N PRO B 8 -9.02 11.19 0.30
CA PRO B 8 -10.29 10.59 -0.10
C PRO B 8 -10.12 9.65 -1.28
N PRO B 9 -11.09 8.78 -1.53
CA PRO B 9 -11.00 7.91 -2.70
C PRO B 9 -11.15 8.70 -4.00
N ILE B 10 -10.50 8.20 -5.04
CA ILE B 10 -10.69 8.69 -6.40
C ILE B 10 -11.46 7.62 -7.16
N CYS B 11 -12.64 7.96 -7.64
CA CYS B 11 -13.59 6.96 -8.10
C CYS B 11 -13.92 7.13 -9.58
N ASN B 12 -14.21 6.05 -10.18
CA ASN B 12 -14.68 5.85 -11.53
C ASN B 12 -16.20 5.78 -11.52
N PRO B 13 -16.87 6.15 -12.63
CA PRO B 13 -18.33 5.95 -12.68
C PRO B 13 -18.73 4.50 -12.50
N ASN B 14 -17.92 3.55 -12.96
CA ASN B 14 -18.24 2.13 -12.85
C ASN B 14 -18.13 1.63 -11.41
CA CA C . 2.04 7.62 17.28
C1 GOL D . 0.58 -12.09 -9.12
O1 GOL D . 0.46 -12.06 -10.52
C2 GOL D . 2.07 -12.10 -8.74
O2 GOL D . 2.92 -12.29 -9.80
C3 GOL D . 2.38 -10.81 -7.96
O3 GOL D . 3.77 -10.86 -7.62
C1 GOL E . -1.68 12.57 13.69
O1 GOL E . -1.37 13.54 14.63
C2 GOL E . -2.86 13.10 12.88
O2 GOL E . -2.50 13.78 11.71
C3 GOL E . -3.74 11.87 12.63
O3 GOL E . -3.16 11.19 11.59
C1 GOL F . 2.88 -13.10 5.70
O1 GOL F . 1.97 -14.05 5.22
C2 GOL F . 4.29 -13.47 5.18
O2 GOL F . 4.25 -13.99 3.88
C3 GOL F . 5.08 -12.13 5.30
O3 GOL F . 6.38 -12.34 4.80
S SO4 G . 0.57 15.95 14.92
O1 SO4 G . 0.84 14.55 15.23
O2 SO4 G . -0.20 16.03 13.67
O3 SO4 G . -0.23 16.52 16.00
O4 SO4 G . 1.83 16.68 14.77
S SO4 H . 6.26 -16.67 -3.61
O1 SO4 H . 7.26 -16.58 -4.69
O2 SO4 H . 6.60 -17.80 -2.75
O3 SO4 H . 6.31 -15.44 -2.82
O4 SO4 H . 4.94 -16.88 -4.20
S SO4 I . -9.12 -9.21 -19.99
O1 SO4 I . -7.97 -8.97 -19.12
O2 SO4 I . -9.24 -10.65 -20.23
O3 SO4 I . -8.92 -8.52 -21.26
O4 SO4 I . -10.33 -8.71 -19.34
C1 GOL J . -6.13 11.29 -2.74
O1 GOL J . -7.47 11.52 -3.07
C2 GOL J . -5.39 12.61 -3.06
O2 GOL J . -5.81 13.63 -2.22
C3 GOL J . -3.89 12.29 -2.90
O3 GOL J . -3.21 13.46 -3.27
#